data_3PPK
#
_entry.id   3PPK
#
_cell.length_a   100.311
_cell.length_b   100.311
_cell.length_c   163.354
_cell.angle_alpha   90.00
_cell.angle_beta   90.00
_cell.angle_gamma   90.00
#
_symmetry.space_group_name_H-M   'P 41 21 2'
#
loop_
_entity.id
_entity.type
_entity.pdbx_description
1 polymer 'Serine/threonine-protein kinase B-raf'
2 non-polymer 3-[(5-hydroxynaphthalen-2-yl)amino]-N-(pyrimidin-4-yl)furo[2,3-c]pyridine-2-carboxamide
#
_entity_poly.entity_id   1
_entity_poly.type   'polypeptide(L)'
_entity_poly.pdbx_seq_one_letter_code
;MDRGSHHHHHHGSEDRNRMKTLGRRDSSDDWEIPDGQITVGQRIGSGSFGTVYKGKWHGDVAVKMLNVTAPTPQQLQAFK
NEVGVLRKTRHVNILLFMGYSTKPQLAIVTQWCEGSSLYHHLHIIETKFEMIKLIDIARQTAQGMDYLHAKSIIHRDLKS
NNIFLHEDLTVKIGDFGLATVKSRWSGSHQFEQLSGSILWMAPEVIRMQDKNPYSFQSDVYAFGIVLYELMTGQLPYSNI
NNRDQIIFMVGRGYLSPDLSKVRSNCPKAMKRLMAECLKKKRDERPLFPQILASIELLARSLPKIHR
;
_entity_poly.pdbx_strand_id   A,B
#
# COMPACT_ATOMS: atom_id res chain seq x y z
N ASP A 29 0.33 -4.63 -18.46
CA ASP A 29 -0.70 -5.04 -17.45
C ASP A 29 -0.29 -6.31 -16.70
N ASP A 30 0.41 -7.21 -17.39
CA ASP A 30 0.92 -8.45 -16.80
C ASP A 30 1.91 -8.19 -15.65
N TRP A 31 2.08 -9.19 -14.78
CA TRP A 31 2.87 -9.05 -13.55
C TRP A 31 4.13 -9.91 -13.49
N GLU A 32 4.49 -10.56 -14.59
CA GLU A 32 5.70 -11.39 -14.61
C GLU A 32 6.97 -10.54 -14.58
N ILE A 33 8.02 -11.09 -13.97
CA ILE A 33 9.28 -10.37 -13.76
C ILE A 33 10.43 -11.18 -14.36
N PRO A 34 11.19 -10.55 -15.31
CA PRO A 34 12.28 -11.19 -16.04
C PRO A 34 13.46 -11.58 -15.16
N ASP A 35 14.07 -12.72 -15.47
CA ASP A 35 15.19 -13.29 -14.72
C ASP A 35 16.37 -12.31 -14.60
N GLY A 36 16.75 -11.99 -13.37
CA GLY A 36 17.84 -11.07 -13.10
C GLY A 36 17.43 -9.84 -12.33
N GLN A 37 16.20 -9.36 -12.59
CA GLN A 37 15.68 -8.16 -11.96
C GLN A 37 15.59 -8.25 -10.43
N ILE A 38 15.17 -9.42 -9.93
CA ILE A 38 15.05 -9.64 -8.49
C ILE A 38 16.40 -10.00 -7.87
N THR A 39 16.79 -9.30 -6.81
CA THR A 39 18.01 -9.64 -6.06
C THR A 39 17.61 -10.21 -4.71
N VAL A 40 18.04 -11.44 -4.43
CA VAL A 40 17.66 -12.11 -3.20
C VAL A 40 18.70 -11.88 -2.10
N GLY A 41 18.23 -11.45 -0.94
CA GLY A 41 19.09 -11.20 0.21
C GLY A 41 18.89 -12.22 1.31
N GLN A 42 18.71 -11.70 2.53
CA GLN A 42 18.53 -12.52 3.74
C GLN A 42 17.39 -13.52 3.67
N ARG A 43 17.65 -14.72 4.16
CA ARG A 43 16.60 -15.70 4.39
C ARG A 43 15.97 -15.35 5.72
N ILE A 44 14.70 -14.98 5.72
CA ILE A 44 14.05 -14.63 7.00
C ILE A 44 13.13 -15.68 7.60
N GLY A 45 12.73 -16.67 6.81
CA GLY A 45 11.91 -17.77 7.32
C GLY A 45 11.10 -18.54 6.30
N SER A 46 9.95 -19.05 6.74
CA SER A 46 9.13 -19.93 5.92
C SER A 46 7.71 -19.42 5.69
N GLY A 47 7.10 -19.93 4.64
CA GLY A 47 5.73 -19.61 4.27
C GLY A 47 5.17 -20.79 3.51
N SER A 48 3.84 -20.83 3.38
CA SER A 48 3.18 -21.95 2.73
C SER A 48 3.87 -22.28 1.41
N PHE A 49 4.29 -23.53 1.27
CA PHE A 49 4.96 -24.02 0.07
C PHE A 49 6.30 -23.35 -0.23
N GLY A 50 7.00 -22.84 0.78
CA GLY A 50 8.33 -22.31 0.51
C GLY A 50 9.07 -21.51 1.55
N THR A 51 10.04 -20.73 1.07
CA THR A 51 10.97 -19.98 1.90
C THR A 51 10.85 -18.49 1.61
N VAL A 52 10.77 -17.68 2.66
CA VAL A 52 10.68 -16.22 2.51
C VAL A 52 12.07 -15.58 2.58
N TYR A 53 12.32 -14.64 1.67
CA TYR A 53 13.57 -13.90 1.65
C TYR A 53 13.30 -12.41 1.62
N LYS A 54 14.25 -11.63 2.14
CA LYS A 54 14.26 -10.20 1.85
C LYS A 54 14.92 -9.99 0.49
N GLY A 55 14.35 -9.11 -0.32
CA GLY A 55 14.87 -8.87 -1.65
C GLY A 55 14.84 -7.42 -2.10
N LYS A 56 15.46 -7.18 -3.24
CA LYS A 56 15.46 -5.87 -3.86
C LYS A 56 14.80 -5.98 -5.23
N TRP A 57 13.72 -5.23 -5.40
CA TRP A 57 13.08 -5.04 -6.70
C TRP A 57 12.25 -3.77 -6.65
N HIS A 58 12.79 -2.72 -7.27
CA HIS A 58 12.27 -1.36 -7.12
C HIS A 58 12.08 -1.01 -5.65
N GLY A 59 13.12 -1.30 -4.86
CA GLY A 59 13.10 -1.10 -3.43
C GLY A 59 13.07 -2.43 -2.69
N ASP A 60 12.92 -2.35 -1.37
CA ASP A 60 12.79 -3.52 -0.50
C ASP A 60 11.54 -4.31 -0.86
N VAL A 61 11.68 -5.62 -0.96
CA VAL A 61 10.53 -6.51 -1.20
C VAL A 61 10.66 -7.82 -0.42
N ALA A 62 9.53 -8.49 -0.20
CA ALA A 62 9.52 -9.85 0.30
C ALA A 62 9.41 -10.77 -0.89
N VAL A 63 10.21 -11.83 -0.90
CA VAL A 63 10.19 -12.81 -1.98
C VAL A 63 10.04 -14.21 -1.40
N LYS A 64 8.99 -14.93 -1.83
CA LYS A 64 8.79 -16.31 -1.42
C LYS A 64 9.00 -17.25 -2.59
N MET A 65 9.90 -18.22 -2.39
CA MET A 65 10.27 -19.16 -3.45
C MET A 65 9.82 -20.59 -3.18
N LEU A 66 9.30 -21.26 -4.21
CA LEU A 66 8.67 -22.59 -4.08
C LEU A 66 9.53 -23.69 -4.72
N ASN A 67 10.84 -23.44 -4.74
CA ASN A 67 11.92 -24.32 -5.24
C ASN A 67 13.18 -23.75 -4.57
N VAL A 68 14.33 -24.44 -4.44
CA VAL A 68 14.89 -25.64 -5.13
C VAL A 68 14.27 -26.44 -6.29
N THR A 69 15.09 -26.57 -7.35
CA THR A 69 14.95 -27.55 -8.46
C THR A 69 13.72 -27.36 -9.35
N ALA A 70 13.60 -28.25 -10.34
CA ALA A 70 12.40 -28.34 -11.17
C ALA A 70 11.18 -28.57 -10.28
N PRO A 71 10.09 -27.85 -10.55
CA PRO A 71 8.93 -27.94 -9.65
C PRO A 71 7.94 -29.05 -10.01
N THR A 72 7.26 -29.56 -8.98
CA THR A 72 6.19 -30.54 -9.14
C THR A 72 4.94 -29.80 -9.63
N PRO A 73 4.03 -30.51 -10.35
CA PRO A 73 2.69 -29.95 -10.59
C PRO A 73 2.00 -29.56 -9.28
N GLN A 74 2.38 -30.24 -8.19
CA GLN A 74 1.99 -29.87 -6.83
C GLN A 74 2.38 -28.42 -6.54
N GLN A 75 3.64 -28.09 -6.79
CA GLN A 75 4.15 -26.73 -6.63
C GLN A 75 3.47 -25.79 -7.63
N LEU A 76 3.48 -26.19 -8.90
CA LEU A 76 2.86 -25.41 -9.99
C LEU A 76 1.44 -24.96 -9.67
N GLN A 77 0.62 -25.89 -9.18
CA GLN A 77 -0.77 -25.58 -8.85
C GLN A 77 -0.88 -24.66 -7.64
N ALA A 78 0.02 -24.83 -6.68
CA ALA A 78 0.07 -23.96 -5.51
C ALA A 78 0.48 -22.55 -5.89
N PHE A 79 1.41 -22.44 -6.84
CA PHE A 79 1.93 -21.17 -7.33
C PHE A 79 0.83 -20.39 -8.06
N LYS A 80 0.26 -21.00 -9.10
CA LYS A 80 -0.79 -20.36 -9.90
C LYS A 80 -2.03 -20.00 -9.08
N ASN A 81 -2.34 -20.82 -8.08
CA ASN A 81 -3.43 -20.54 -7.17
C ASN A 81 -3.20 -19.20 -6.46
N GLU A 82 -2.10 -19.11 -5.71
CA GLU A 82 -1.82 -17.92 -4.89
C GLU A 82 -1.73 -16.65 -5.73
N VAL A 83 -0.98 -16.69 -6.83
CA VAL A 83 -0.85 -15.56 -7.74
C VAL A 83 -2.23 -15.07 -8.18
N GLY A 84 -3.07 -16.00 -8.64
CA GLY A 84 -4.43 -15.71 -9.05
C GLY A 84 -5.26 -15.02 -7.99
N VAL A 85 -5.09 -15.43 -6.74
CA VAL A 85 -5.79 -14.83 -5.61
C VAL A 85 -5.26 -13.44 -5.30
N LEU A 86 -3.93 -13.29 -5.34
CA LEU A 86 -3.27 -12.03 -5.00
C LEU A 86 -3.57 -10.91 -5.98
N ARG A 87 -3.52 -11.22 -7.28
CA ARG A 87 -3.85 -10.23 -8.31
C ARG A 87 -5.31 -9.76 -8.24
N LYS A 88 -6.09 -10.39 -7.37
CA LYS A 88 -7.47 -9.97 -7.14
C LYS A 88 -7.60 -9.01 -5.96
N THR A 89 -6.48 -8.82 -5.24
CA THR A 89 -6.47 -7.98 -4.03
C THR A 89 -5.75 -6.65 -4.20
N ARG A 90 -6.47 -5.57 -3.90
CA ARG A 90 -5.92 -4.23 -3.83
C ARG A 90 -6.60 -3.54 -2.65
N HIS A 91 -5.90 -3.52 -1.52
CA HIS A 91 -6.45 -2.93 -0.29
C HIS A 91 -5.33 -2.71 0.72
N VAL A 92 -5.39 -1.58 1.43
CA VAL A 92 -4.38 -1.21 2.43
C VAL A 92 -4.02 -2.38 3.35
N ASN A 93 -5.03 -3.03 3.93
CA ASN A 93 -4.84 -4.07 4.95
C ASN A 93 -4.45 -5.45 4.42
N ILE A 94 -4.22 -5.55 3.11
CA ILE A 94 -3.76 -6.80 2.52
C ILE A 94 -2.36 -6.58 1.96
N LEU A 95 -1.43 -7.46 2.33
CA LEU A 95 -0.05 -7.40 1.87
C LEU A 95 -0.02 -7.23 0.36
N LEU A 96 0.54 -6.10 -0.07
CA LEU A 96 0.53 -5.73 -1.49
C LEU A 96 1.36 -6.68 -2.34
N PHE A 97 0.66 -7.48 -3.15
CA PHE A 97 1.28 -8.28 -4.19
C PHE A 97 1.89 -7.34 -5.23
N MET A 98 3.14 -7.58 -5.59
CA MET A 98 3.85 -6.71 -6.51
C MET A 98 4.17 -7.37 -7.85
N GLY A 99 4.39 -8.68 -7.83
CA GLY A 99 4.72 -9.43 -9.04
C GLY A 99 5.16 -10.85 -8.76
N TYR A 100 5.51 -11.57 -9.82
CA TYR A 100 5.93 -12.96 -9.70
C TYR A 100 6.98 -13.32 -10.73
N SER A 101 7.76 -14.36 -10.44
CA SER A 101 8.78 -14.85 -11.37
C SER A 101 8.75 -16.37 -11.43
N THR A 102 8.98 -16.90 -12.62
CA THR A 102 9.03 -18.35 -12.84
C THR A 102 10.39 -18.77 -13.36
N LYS A 103 11.02 -17.88 -14.13
CA LYS A 103 12.21 -18.17 -14.94
C LYS A 103 13.38 -18.87 -14.20
N PRO A 104 13.93 -18.25 -13.12
CA PRO A 104 14.92 -19.02 -12.35
C PRO A 104 14.25 -19.99 -11.37
N GLN A 105 13.28 -19.48 -10.60
CA GLN A 105 12.58 -20.21 -9.55
C GLN A 105 11.20 -19.59 -9.39
N LEU A 106 10.21 -20.44 -9.12
CA LEU A 106 8.86 -19.98 -8.82
C LEU A 106 8.89 -19.06 -7.59
N ALA A 107 8.60 -17.79 -7.81
CA ALA A 107 8.72 -16.78 -6.76
C ALA A 107 7.57 -15.79 -6.77
N ILE A 108 7.13 -15.40 -5.58
CA ILE A 108 6.09 -14.38 -5.43
C ILE A 108 6.69 -13.18 -4.71
N VAL A 109 6.46 -11.99 -5.27
CA VAL A 109 7.02 -10.75 -4.76
C VAL A 109 5.93 -9.83 -4.25
N THR A 110 6.07 -9.41 -2.99
CA THR A 110 5.16 -8.47 -2.36
C THR A 110 5.97 -7.35 -1.73
N GLN A 111 5.30 -6.36 -1.18
CA GLN A 111 5.95 -5.29 -0.42
C GLN A 111 6.70 -5.84 0.80
N TRP A 112 7.55 -5.01 1.39
CA TRP A 112 8.32 -5.39 2.56
C TRP A 112 7.80 -4.66 3.80
N CYS A 113 7.62 -5.41 4.88
CA CYS A 113 7.26 -4.83 6.17
C CYS A 113 8.38 -5.04 7.18
N GLU A 114 9.06 -3.96 7.55
CA GLU A 114 10.02 -4.01 8.64
C GLU A 114 9.21 -3.95 9.93
N GLY A 115 9.63 -4.74 10.91
CA GLY A 115 8.83 -4.93 12.12
C GLY A 115 7.88 -6.06 11.83
N SER A 116 8.00 -7.14 12.60
CA SER A 116 7.50 -8.44 12.19
C SER A 116 5.99 -8.66 12.33
N SER A 117 5.61 -9.93 12.23
CA SER A 117 4.24 -10.39 12.41
C SER A 117 3.73 -10.16 13.81
N LEU A 118 2.42 -10.11 13.94
CA LEU A 118 1.76 -10.00 15.23
C LEU A 118 2.21 -11.13 16.18
N TYR A 119 2.42 -12.32 15.61
CA TYR A 119 2.94 -13.47 16.35
C TYR A 119 4.27 -13.15 17.02
N HIS A 120 5.23 -12.72 16.21
CA HIS A 120 6.56 -12.37 16.67
C HIS A 120 6.49 -11.29 17.75
N HIS A 121 5.75 -10.22 17.47
CA HIS A 121 5.53 -9.17 18.46
C HIS A 121 5.05 -9.75 19.78
N LEU A 122 3.98 -10.54 19.73
CA LEU A 122 3.31 -11.03 20.92
C LEU A 122 4.04 -12.14 21.68
N HIS A 123 4.47 -13.18 20.97
CA HIS A 123 4.95 -14.38 21.65
C HIS A 123 6.46 -14.60 21.63
N ILE A 124 7.18 -13.80 20.85
CA ILE A 124 8.63 -13.89 20.81
C ILE A 124 9.30 -12.72 21.56
N ILE A 125 9.17 -11.50 21.03
CA ILE A 125 9.82 -10.34 21.65
C ILE A 125 8.96 -9.70 22.73
N GLU A 126 7.72 -10.17 22.83
CA GLU A 126 6.75 -9.75 23.87
C GLU A 126 6.52 -8.24 23.93
N THR A 127 6.13 -7.65 22.80
CA THR A 127 5.75 -6.23 22.76
C THR A 127 4.43 -6.03 23.50
N LYS A 128 4.48 -5.23 24.55
CA LYS A 128 3.28 -4.90 25.30
C LYS A 128 2.61 -3.68 24.70
N PHE A 129 1.64 -3.91 23.83
CA PHE A 129 0.83 -2.85 23.22
C PHE A 129 -0.21 -2.34 24.21
N GLU A 130 -0.70 -1.12 23.95
CA GLU A 130 -1.82 -0.56 24.71
C GLU A 130 -3.14 -1.01 24.10
N MET A 131 -4.20 -1.01 24.92
CA MET A 131 -5.52 -1.49 24.51
C MET A 131 -6.10 -0.77 23.29
N ILE A 132 -5.88 0.55 23.23
CA ILE A 132 -6.29 1.38 22.09
C ILE A 132 -5.59 0.89 20.82
N LYS A 133 -4.33 0.50 20.97
CA LYS A 133 -3.52 -0.01 19.87
C LYS A 133 -3.93 -1.43 19.50
N LEU A 134 -4.21 -2.24 20.52
CA LEU A 134 -4.65 -3.63 20.33
C LEU A 134 -5.99 -3.69 19.59
N ILE A 135 -6.93 -2.85 20.00
CA ILE A 135 -8.23 -2.77 19.35
C ILE A 135 -8.07 -2.33 17.89
N ASP A 136 -7.17 -1.38 17.66
CA ASP A 136 -6.89 -0.90 16.32
C ASP A 136 -6.39 -2.03 15.40
N ILE A 137 -5.48 -2.85 15.92
CA ILE A 137 -4.95 -4.01 15.20
C ILE A 137 -6.08 -4.98 14.83
N ALA A 138 -7.06 -5.12 15.72
CA ALA A 138 -8.23 -5.96 15.45
C ALA A 138 -9.12 -5.37 14.36
N ARG A 139 -9.40 -4.07 14.46
CA ARG A 139 -10.22 -3.35 13.49
C ARG A 139 -9.64 -3.43 12.08
N GLN A 140 -8.33 -3.21 11.97
CA GLN A 140 -7.64 -3.28 10.69
C GLN A 140 -7.65 -4.68 10.10
N THR A 141 -7.46 -5.70 10.94
CA THR A 141 -7.51 -7.08 10.50
C THR A 141 -8.91 -7.43 10.02
N ALA A 142 -9.93 -7.05 10.81
CA ALA A 142 -11.33 -7.18 10.40
C ALA A 142 -11.57 -6.47 9.08
N GLN A 143 -10.89 -5.34 8.89
CA GLN A 143 -11.05 -4.54 7.68
C GLN A 143 -10.57 -5.29 6.43
N GLY A 144 -9.44 -5.96 6.55
CA GLY A 144 -8.87 -6.73 5.46
C GLY A 144 -9.67 -7.97 5.11
N MET A 145 -10.18 -8.63 6.16
CA MET A 145 -10.98 -9.85 5.99
C MET A 145 -12.32 -9.57 5.33
N ASP A 146 -12.95 -8.47 5.73
CA ASP A 146 -14.20 -8.03 5.12
C ASP A 146 -14.01 -7.88 3.61
N TYR A 147 -12.91 -7.21 3.23
CA TYR A 147 -12.53 -7.05 1.84
C TYR A 147 -12.40 -8.41 1.15
N LEU A 148 -11.64 -9.32 1.76
CA LEU A 148 -11.39 -10.64 1.17
C LEU A 148 -12.69 -11.41 0.95
N HIS A 149 -13.56 -11.35 1.96
CA HIS A 149 -14.83 -12.07 1.92
C HIS A 149 -15.82 -11.45 0.95
N ALA A 150 -15.82 -10.12 0.87
CA ALA A 150 -16.63 -9.41 -0.12
C ALA A 150 -16.18 -9.75 -1.53
N LYS A 151 -14.96 -10.29 -1.64
CA LYS A 151 -14.39 -10.73 -2.90
C LYS A 151 -14.49 -12.25 -3.07
N SER A 152 -15.12 -12.91 -2.07
CA SER A 152 -15.26 -14.37 -2.02
C SER A 152 -13.94 -15.13 -1.85
N ILE A 153 -12.98 -14.47 -1.19
CA ILE A 153 -11.70 -15.08 -0.88
C ILE A 153 -11.68 -15.54 0.56
N ILE A 154 -11.43 -16.84 0.75
CA ILE A 154 -11.29 -17.43 2.08
C ILE A 154 -9.81 -17.73 2.31
N HIS A 155 -9.23 -17.10 3.33
CA HIS A 155 -7.79 -17.20 3.59
C HIS A 155 -7.39 -18.60 4.04
N ARG A 156 -8.20 -19.21 4.89
CA ARG A 156 -8.03 -20.60 5.34
C ARG A 156 -6.78 -20.85 6.19
N ASP A 157 -6.09 -19.79 6.59
CA ASP A 157 -4.94 -19.91 7.48
C ASP A 157 -4.64 -18.63 8.25
N LEU A 158 -5.67 -17.80 8.46
CA LEU A 158 -5.54 -16.57 9.21
C LEU A 158 -5.04 -16.88 10.61
N LYS A 159 -3.86 -16.35 10.93
CA LYS A 159 -3.22 -16.50 12.23
C LYS A 159 -2.27 -15.33 12.43
N SER A 160 -1.87 -15.09 13.67
CA SER A 160 -0.98 -13.97 13.99
C SER A 160 0.33 -13.99 13.19
N ASN A 161 0.74 -15.19 12.78
CA ASN A 161 1.91 -15.37 11.91
C ASN A 161 1.76 -14.71 10.55
N ASN A 162 0.53 -14.64 10.06
CA ASN A 162 0.25 -14.06 8.75
C ASN A 162 -0.27 -12.64 8.80
N ILE A 163 -0.31 -12.08 10.02
CA ILE A 163 -0.67 -10.69 10.21
C ILE A 163 0.60 -9.90 10.49
N PHE A 164 1.05 -9.17 9.47
CA PHE A 164 2.28 -8.39 9.56
C PHE A 164 1.95 -6.94 9.88
N LEU A 165 2.70 -6.38 10.84
CA LEU A 165 2.47 -5.02 11.27
C LEU A 165 3.50 -4.08 10.63
N HIS A 166 3.09 -3.46 9.53
CA HIS A 166 3.98 -2.62 8.73
C HIS A 166 4.22 -1.27 9.38
N GLU A 167 5.49 -0.87 9.46
CA GLU A 167 5.93 0.38 10.09
C GLU A 167 5.21 0.63 11.42
N ASP A 168 5.05 -0.43 12.20
CA ASP A 168 4.44 -0.40 13.55
C ASP A 168 3.01 0.17 13.70
N LEU A 169 2.31 0.46 12.60
CA LEU A 169 0.94 0.99 12.74
C LEU A 169 -0.05 0.71 11.60
N THR A 170 0.30 -0.23 10.72
CA THR A 170 -0.62 -0.65 9.65
C THR A 170 -0.58 -2.16 9.46
N VAL A 171 -1.73 -2.80 9.67
CA VAL A 171 -1.87 -4.25 9.58
C VAL A 171 -2.02 -4.68 8.12
N LYS A 172 -1.15 -5.60 7.70
CA LYS A 172 -1.22 -6.21 6.38
C LYS A 172 -1.34 -7.71 6.52
N ILE A 173 -2.40 -8.29 5.96
CA ILE A 173 -2.60 -9.74 6.01
C ILE A 173 -1.91 -10.38 4.82
N GLY A 174 -1.04 -11.35 5.08
CA GLY A 174 -0.26 -12.01 4.03
C GLY A 174 -0.42 -13.51 3.98
N ASP A 175 0.32 -14.12 3.04
CA ASP A 175 0.31 -15.57 2.78
C ASP A 175 -1.04 -16.13 2.33
N PHE A 176 -1.18 -16.27 1.02
CA PHE A 176 -2.43 -16.69 0.41
C PHE A 176 -2.24 -18.01 -0.34
N GLY A 177 -1.23 -18.76 0.06
CA GLY A 177 -0.94 -20.06 -0.54
C GLY A 177 -2.06 -21.07 -0.36
N LEU A 178 -2.75 -20.99 0.78
CA LEU A 178 -3.82 -21.92 1.09
C LEU A 178 -5.23 -21.44 0.71
N ALA A 179 -5.34 -20.16 0.36
CA ALA A 179 -6.62 -19.50 0.10
C ALA A 179 -7.37 -19.97 -1.16
N THR A 180 -8.68 -19.72 -1.21
CA THR A 180 -9.50 -20.04 -2.39
C THR A 180 -10.62 -19.04 -2.65
N VAL A 181 -11.24 -19.18 -3.83
CA VAL A 181 -12.41 -18.40 -4.23
C VAL A 181 -13.55 -19.33 -4.67
N GLY A 196 1.13 -27.54 9.87
CA GLY A 196 -0.09 -27.59 10.65
C GLY A 196 -0.12 -26.57 11.78
N SER A 197 -0.79 -25.45 11.54
CA SER A 197 -1.02 -24.44 12.57
C SER A 197 -2.45 -24.60 13.09
N ILE A 198 -2.56 -25.38 14.16
CA ILE A 198 -3.84 -25.90 14.63
C ILE A 198 -4.58 -24.98 15.61
N LEU A 199 -3.82 -24.22 16.40
CA LEU A 199 -4.38 -23.35 17.42
C LEU A 199 -5.48 -22.41 16.91
N TRP A 200 -5.50 -22.18 15.60
CA TRP A 200 -6.45 -21.25 14.99
C TRP A 200 -7.58 -21.98 14.27
N MET A 201 -7.48 -23.30 14.18
CA MET A 201 -8.44 -24.13 13.46
C MET A 201 -9.76 -24.30 14.21
N ALA A 202 -10.85 -24.07 13.49
CA ALA A 202 -12.20 -24.30 13.97
C ALA A 202 -12.44 -25.79 14.20
N PRO A 203 -13.29 -26.15 15.20
CA PRO A 203 -13.62 -27.54 15.47
C PRO A 203 -13.96 -28.35 14.20
N GLU A 204 -14.83 -27.79 13.35
CA GLU A 204 -15.20 -28.42 12.08
C GLU A 204 -13.97 -28.77 11.24
N VAL A 205 -13.01 -27.84 11.21
CA VAL A 205 -11.78 -28.01 10.44
C VAL A 205 -10.88 -29.08 11.07
N ILE A 206 -10.86 -29.12 12.40
CA ILE A 206 -10.11 -30.12 13.16
C ILE A 206 -10.55 -31.54 12.79
N ARG A 207 -11.86 -31.80 12.93
CA ARG A 207 -12.43 -33.08 12.57
C ARG A 207 -12.83 -33.08 11.10
N MET A 208 -11.87 -33.41 10.24
CA MET A 208 -12.05 -33.34 8.78
C MET A 208 -13.28 -34.12 8.27
N GLN A 209 -14.46 -33.54 8.48
CA GLN A 209 -15.74 -34.11 8.03
C GLN A 209 -16.14 -33.50 6.69
N ASP A 210 -16.75 -34.33 5.83
CA ASP A 210 -17.08 -33.99 4.43
C ASP A 210 -15.90 -33.40 3.61
N LYS A 211 -16.17 -33.03 2.36
CA LYS A 211 -15.13 -32.44 1.50
C LYS A 211 -14.62 -31.09 2.02
N ASN A 212 -15.54 -30.16 2.26
CA ASN A 212 -15.18 -28.79 2.58
C ASN A 212 -15.63 -28.29 3.97
N PRO A 213 -14.72 -28.33 4.96
CA PRO A 213 -14.98 -27.70 6.25
C PRO A 213 -14.71 -26.20 6.26
N TYR A 214 -13.94 -25.70 5.28
CA TYR A 214 -13.53 -24.29 5.22
C TYR A 214 -14.61 -23.36 4.70
N SER A 215 -14.86 -22.28 5.45
CA SER A 215 -15.87 -21.30 5.08
C SER A 215 -15.54 -19.93 5.67
N PHE A 216 -16.35 -18.93 5.32
CA PHE A 216 -16.25 -17.61 5.94
C PHE A 216 -16.19 -17.73 7.46
N GLN A 217 -17.01 -18.63 7.99
CA GLN A 217 -17.11 -18.87 9.44
C GLN A 217 -15.85 -19.44 10.06
N SER A 218 -15.15 -20.31 9.33
CA SER A 218 -13.88 -20.86 9.83
C SER A 218 -12.81 -19.77 9.88
N ASP A 219 -12.86 -18.85 8.92
CA ASP A 219 -12.00 -17.66 8.95
C ASP A 219 -12.34 -16.80 10.16
N VAL A 220 -13.64 -16.58 10.38
CA VAL A 220 -14.13 -15.86 11.56
C VAL A 220 -13.59 -16.48 12.84
N TYR A 221 -13.60 -17.80 12.91
CA TYR A 221 -13.09 -18.50 14.08
C TYR A 221 -11.61 -18.22 14.30
N ALA A 222 -10.80 -18.39 13.26
CA ALA A 222 -9.36 -18.10 13.32
C ALA A 222 -9.10 -16.66 13.79
N PHE A 223 -9.91 -15.73 13.27
CA PHE A 223 -9.89 -14.34 13.73
C PHE A 223 -10.21 -14.23 15.22
N GLY A 224 -11.11 -15.09 15.70
CA GLY A 224 -11.44 -15.15 17.11
C GLY A 224 -10.23 -15.39 17.98
N ILE A 225 -9.36 -16.30 17.52
CA ILE A 225 -8.12 -16.62 18.24
C ILE A 225 -7.13 -15.46 18.24
N VAL A 226 -7.08 -14.70 17.15
CA VAL A 226 -6.21 -13.51 17.13
C VAL A 226 -6.74 -12.46 18.11
N LEU A 227 -8.07 -12.33 18.23
CA LEU A 227 -8.67 -11.48 19.26
C LEU A 227 -8.23 -11.96 20.63
N TYR A 228 -8.16 -13.28 20.81
CA TYR A 228 -7.68 -13.87 22.05
C TYR A 228 -6.21 -13.50 22.30
N GLU A 229 -5.36 -13.74 21.29
CA GLU A 229 -3.93 -13.41 21.37
C GLU A 229 -3.69 -11.94 21.70
N LEU A 230 -4.53 -11.07 21.14
CA LEU A 230 -4.42 -9.64 21.32
C LEU A 230 -4.84 -9.20 22.72
N MET A 231 -5.90 -9.83 23.24
CA MET A 231 -6.44 -9.44 24.54
C MET A 231 -5.83 -10.17 25.73
N THR A 232 -5.18 -11.31 25.48
CA THR A 232 -4.53 -12.06 26.55
C THR A 232 -3.02 -11.90 26.53
N GLY A 233 -2.47 -11.73 25.33
CA GLY A 233 -1.04 -11.71 25.12
C GLY A 233 -0.45 -13.11 25.05
N GLN A 234 -1.32 -14.12 24.97
CA GLN A 234 -0.89 -15.51 25.02
C GLN A 234 -1.45 -16.34 23.88
N LEU A 235 -0.74 -17.42 23.55
CA LEU A 235 -1.32 -18.46 22.70
C LEU A 235 -2.25 -19.30 23.57
N PRO A 236 -3.44 -19.67 23.05
CA PRO A 236 -4.43 -20.37 23.85
C PRO A 236 -3.95 -21.75 24.27
N TYR A 237 -4.57 -22.29 25.31
CA TYR A 237 -4.31 -23.64 25.82
C TYR A 237 -2.86 -23.82 26.28
N SER A 238 -2.24 -22.74 26.73
CA SER A 238 -0.81 -22.73 27.08
C SER A 238 -0.45 -23.58 28.31
N ASN A 239 -1.46 -24.04 29.04
CA ASN A 239 -1.24 -24.88 30.22
C ASN A 239 -1.34 -26.37 29.91
N ILE A 240 -1.56 -26.69 28.64
CA ILE A 240 -1.58 -28.07 28.15
C ILE A 240 -0.37 -28.26 27.27
N ASN A 241 0.53 -29.17 27.64
CA ASN A 241 1.72 -29.40 26.82
C ASN A 241 1.62 -30.65 25.94
N ASN A 242 0.45 -30.86 25.34
CA ASN A 242 0.25 -31.95 24.40
C ASN A 242 -0.55 -31.47 23.19
N ARG A 243 0.13 -31.30 22.06
CA ARG A 243 -0.47 -30.76 20.84
C ARG A 243 -1.63 -31.64 20.36
N ASP A 244 -1.49 -32.94 20.54
CA ASP A 244 -2.50 -33.91 20.09
C ASP A 244 -3.75 -33.86 20.95
N GLN A 245 -3.56 -33.77 22.27
CA GLN A 245 -4.68 -33.65 23.18
C GLN A 245 -5.45 -32.37 22.90
N ILE A 246 -4.74 -31.34 22.45
CA ILE A 246 -5.37 -30.09 22.04
C ILE A 246 -6.24 -30.30 20.80
N ILE A 247 -5.70 -30.95 19.77
CA ILE A 247 -6.47 -31.21 18.55
C ILE A 247 -7.71 -32.08 18.83
N PHE A 248 -7.51 -33.19 19.55
CA PHE A 248 -8.62 -34.09 19.89
C PHE A 248 -9.71 -33.33 20.63
N MET A 249 -9.31 -32.65 21.68
CA MET A 249 -10.22 -32.01 22.62
C MET A 249 -11.06 -30.91 21.99
N VAL A 250 -10.41 -30.00 21.27
CA VAL A 250 -11.11 -28.92 20.56
C VAL A 250 -12.05 -29.53 19.52
N GLY A 251 -11.54 -30.56 18.83
CA GLY A 251 -12.31 -31.28 17.82
C GLY A 251 -13.62 -31.84 18.34
N ARG A 252 -13.58 -32.45 19.52
CA ARG A 252 -14.77 -32.99 20.16
C ARG A 252 -15.50 -31.95 21.01
N GLY A 253 -14.93 -30.75 21.07
CA GLY A 253 -15.54 -29.62 21.77
C GLY A 253 -15.41 -29.63 23.28
N TYR A 254 -14.48 -30.42 23.80
CA TYR A 254 -14.25 -30.44 25.23
C TYR A 254 -13.43 -29.20 25.65
N LEU A 255 -12.54 -28.77 24.75
CA LEU A 255 -11.67 -27.62 25.00
C LEU A 255 -12.09 -26.40 24.20
N SER A 256 -12.12 -25.26 24.88
CA SER A 256 -12.30 -23.96 24.22
C SER A 256 -11.46 -22.92 24.96
N PRO A 257 -11.03 -21.85 24.25
CA PRO A 257 -10.19 -20.81 24.84
C PRO A 257 -10.79 -20.23 26.11
N ASP A 258 -9.95 -20.06 27.14
CA ASP A 258 -10.38 -19.56 28.44
C ASP A 258 -10.46 -18.04 28.43
N LEU A 259 -11.65 -17.51 28.18
CA LEU A 259 -11.84 -16.08 27.99
C LEU A 259 -11.73 -15.24 29.26
N SER A 260 -11.46 -15.89 30.39
CA SER A 260 -11.25 -15.18 31.66
C SER A 260 -9.84 -14.59 31.75
N LYS A 261 -9.01 -14.86 30.76
CA LYS A 261 -7.63 -14.42 30.75
C LYS A 261 -7.43 -13.06 30.08
N VAL A 262 -8.50 -12.49 29.54
CA VAL A 262 -8.45 -11.16 28.93
C VAL A 262 -8.17 -10.10 30.00
N ARG A 263 -7.20 -9.23 29.72
CA ARG A 263 -6.82 -8.19 30.68
C ARG A 263 -8.02 -7.29 31.06
N SER A 264 -8.04 -6.83 32.31
CA SER A 264 -9.22 -6.19 32.91
C SER A 264 -9.68 -4.91 32.22
N ASN A 265 -8.79 -4.28 31.47
CA ASN A 265 -9.12 -3.05 30.76
C ASN A 265 -9.68 -3.27 29.35
N CYS A 266 -9.62 -4.51 28.87
CA CYS A 266 -10.31 -4.91 27.64
C CYS A 266 -11.81 -4.72 27.82
N PRO A 267 -12.46 -4.03 26.88
CA PRO A 267 -13.89 -3.74 26.99
C PRO A 267 -14.74 -5.00 27.02
N LYS A 268 -15.88 -4.93 27.71
CA LYS A 268 -16.81 -6.06 27.80
C LYS A 268 -17.34 -6.45 26.43
N ALA A 269 -17.57 -5.45 25.58
CA ALA A 269 -18.08 -5.67 24.23
C ALA A 269 -17.12 -6.45 23.34
N MET A 270 -15.82 -6.31 23.60
CA MET A 270 -14.79 -7.07 22.91
C MET A 270 -14.81 -8.53 23.37
N LYS A 271 -14.89 -8.70 24.69
CA LYS A 271 -15.01 -10.03 25.27
C LYS A 271 -16.27 -10.72 24.77
N ARG A 272 -17.32 -9.92 24.55
CA ARG A 272 -18.59 -10.41 24.04
C ARG A 272 -18.49 -10.86 22.58
N LEU A 273 -17.80 -10.06 21.77
CA LEU A 273 -17.59 -10.36 20.35
C LEU A 273 -16.70 -11.58 20.15
N MET A 274 -15.73 -11.74 21.04
CA MET A 274 -14.78 -12.84 20.97
C MET A 274 -15.51 -14.17 21.08
N ALA A 275 -16.42 -14.26 22.05
CA ALA A 275 -17.23 -15.46 22.28
C ALA A 275 -18.07 -15.82 21.06
N GLU A 276 -18.54 -14.80 20.35
CA GLU A 276 -19.32 -14.97 19.12
C GLU A 276 -18.50 -15.58 17.98
N CYS A 277 -17.23 -15.20 17.88
CA CYS A 277 -16.34 -15.72 16.85
C CYS A 277 -15.85 -17.10 17.20
N LEU A 278 -15.78 -17.38 18.49
CA LEU A 278 -15.26 -18.65 18.98
C LEU A 278 -16.33 -19.72 19.19
N LYS A 279 -17.55 -19.44 18.70
CA LYS A 279 -18.68 -20.37 18.79
C LYS A 279 -18.32 -21.71 18.18
N LYS A 280 -18.73 -22.78 18.85
CA LYS A 280 -18.39 -24.14 18.42
C LYS A 280 -19.16 -24.57 17.17
N LYS A 281 -20.36 -24.02 17.01
CA LYS A 281 -21.15 -24.24 15.80
C LYS A 281 -20.94 -23.08 14.83
N ARG A 282 -20.46 -23.40 13.63
CA ARG A 282 -20.07 -22.38 12.66
C ARG A 282 -21.21 -21.41 12.28
N ASP A 283 -22.44 -21.89 12.32
CA ASP A 283 -23.61 -21.09 11.95
C ASP A 283 -23.94 -19.97 12.95
N GLU A 284 -23.45 -20.10 14.18
CA GLU A 284 -23.70 -19.12 15.23
C GLU A 284 -22.68 -17.98 15.26
N ARG A 285 -21.74 -18.00 14.32
CA ARG A 285 -20.72 -16.96 14.20
C ARG A 285 -21.19 -15.79 13.35
N PRO A 286 -20.72 -14.57 13.66
CA PRO A 286 -21.07 -13.42 12.83
C PRO A 286 -20.16 -13.33 11.62
N LEU A 287 -20.64 -12.71 10.54
CA LEU A 287 -19.81 -12.47 9.38
C LEU A 287 -19.04 -11.16 9.55
N PHE A 288 -17.96 -11.01 8.81
CA PHE A 288 -17.05 -9.88 9.01
C PHE A 288 -17.66 -8.49 8.87
N PRO A 289 -18.63 -8.31 7.95
CA PRO A 289 -19.32 -7.02 7.98
C PRO A 289 -19.83 -6.69 9.38
N GLN A 290 -20.52 -7.64 10.01
CA GLN A 290 -21.07 -7.44 11.36
C GLN A 290 -19.97 -7.26 12.40
N ILE A 291 -18.91 -8.07 12.29
CA ILE A 291 -17.76 -7.98 13.19
C ILE A 291 -17.11 -6.61 13.14
N LEU A 292 -16.82 -6.14 11.92
CA LEU A 292 -16.20 -4.84 11.71
C LEU A 292 -16.98 -3.71 12.36
N ALA A 293 -18.31 -3.70 12.15
CA ALA A 293 -19.20 -2.70 12.76
C ALA A 293 -19.12 -2.73 14.28
N SER A 294 -18.92 -3.93 14.83
CA SER A 294 -18.82 -4.12 16.28
C SER A 294 -17.55 -3.49 16.83
N ILE A 295 -16.43 -3.74 16.16
CA ILE A 295 -15.14 -3.22 16.62
C ILE A 295 -15.07 -1.70 16.48
N GLU A 296 -15.60 -1.19 15.37
CA GLU A 296 -15.65 0.26 15.15
C GLU A 296 -16.39 0.97 16.27
N LEU A 297 -17.54 0.41 16.66
CA LEU A 297 -18.39 1.01 17.68
C LEU A 297 -17.68 1.13 19.03
N LEU A 298 -17.13 0.02 19.51
CA LEU A 298 -16.43 0.01 20.80
C LEU A 298 -15.19 0.91 20.80
N ALA A 299 -14.54 1.02 19.64
CA ALA A 299 -13.38 1.89 19.48
C ALA A 299 -13.74 3.36 19.66
N ARG A 300 -14.91 3.75 19.13
CA ARG A 300 -15.38 5.13 19.21
C ARG A 300 -15.58 5.60 20.65
N SER A 301 -16.29 4.78 21.43
CA SER A 301 -16.60 5.09 22.82
C SER A 301 -15.63 4.39 23.78
N LEU A 302 -14.34 4.63 23.56
CA LEU A 302 -13.28 4.00 24.33
C LEU A 302 -12.27 4.96 24.98
N PRO A 303 -11.66 5.88 24.18
CA PRO A 303 -10.55 6.72 24.71
C PRO A 303 -10.94 7.58 25.93
N LYS A 304 -12.25 7.71 26.17
CA LYS A 304 -12.77 8.44 27.31
C LYS A 304 -12.52 7.66 28.62
N ASP B 29 -12.49 -11.10 -11.18
CA ASP B 29 -11.15 -10.45 -11.12
C ASP B 29 -11.25 -8.92 -11.21
N ASP B 30 -12.19 -8.44 -12.04
CA ASP B 30 -12.30 -7.02 -12.41
C ASP B 30 -12.31 -6.01 -11.25
N TRP B 31 -12.00 -4.76 -11.56
CA TRP B 31 -11.87 -3.71 -10.55
C TRP B 31 -13.07 -2.78 -10.49
N GLU B 32 -14.11 -3.13 -11.23
CA GLU B 32 -15.37 -2.40 -11.16
C GLU B 32 -16.05 -2.65 -9.82
N ILE B 33 -16.63 -1.60 -9.25
CA ILE B 33 -17.36 -1.72 -8.01
C ILE B 33 -18.86 -1.61 -8.31
N PRO B 34 -19.66 -2.59 -7.83
CA PRO B 34 -21.11 -2.58 -8.06
C PRO B 34 -21.78 -1.35 -7.45
N ASP B 35 -22.96 -1.02 -7.97
CA ASP B 35 -23.70 0.20 -7.60
C ASP B 35 -23.94 0.35 -6.10
N GLY B 36 -23.94 1.60 -5.63
CA GLY B 36 -24.35 1.93 -4.27
C GLY B 36 -23.47 1.47 -3.12
N GLN B 37 -22.36 0.80 -3.43
CA GLN B 37 -21.44 0.34 -2.40
C GLN B 37 -20.55 1.46 -1.87
N ILE B 38 -20.02 2.29 -2.77
CA ILE B 38 -19.15 3.41 -2.40
C ILE B 38 -19.94 4.60 -1.84
N THR B 39 -19.64 4.96 -0.59
CA THR B 39 -20.28 6.10 0.07
C THR B 39 -19.41 7.35 -0.06
N VAL B 40 -19.89 8.30 -0.85
CA VAL B 40 -19.21 9.57 -1.04
C VAL B 40 -19.44 10.46 0.18
N GLY B 41 -18.39 11.14 0.63
CA GLY B 41 -18.50 12.06 1.76
C GLY B 41 -17.97 13.44 1.44
N GLN B 42 -17.22 14.00 2.38
CA GLN B 42 -16.54 15.30 2.25
C GLN B 42 -15.96 15.57 0.86
N ARG B 43 -16.16 16.78 0.36
CA ARG B 43 -15.38 17.29 -0.75
C ARG B 43 -14.16 17.99 -0.16
N ILE B 44 -12.97 17.60 -0.63
CA ILE B 44 -11.73 18.13 -0.05
C ILE B 44 -10.89 18.98 -1.01
N GLY B 45 -11.06 18.75 -2.31
CA GLY B 45 -10.32 19.50 -3.34
C GLY B 45 -10.62 18.98 -4.73
N SER B 46 -9.80 19.41 -5.69
CA SER B 46 -9.94 18.95 -7.08
C SER B 46 -8.69 18.23 -7.57
N GLY B 47 -8.87 17.38 -8.57
CA GLY B 47 -7.77 16.71 -9.24
C GLY B 47 -7.94 16.86 -10.74
N SER B 48 -6.99 16.34 -11.50
CA SER B 48 -7.06 16.44 -12.95
C SER B 48 -8.40 15.91 -13.44
N PHE B 49 -9.10 16.72 -14.23
CA PHE B 49 -10.38 16.33 -14.85
C PHE B 49 -11.54 16.09 -13.87
N GLY B 50 -11.48 16.66 -12.67
CA GLY B 50 -12.60 16.53 -11.77
C GLY B 50 -12.39 16.94 -10.32
N THR B 51 -13.29 16.45 -9.46
CA THR B 51 -13.32 16.82 -8.05
C THR B 51 -13.01 15.62 -7.18
N VAL B 52 -12.31 15.86 -6.07
CA VAL B 52 -11.87 14.79 -5.17
C VAL B 52 -12.67 14.78 -3.87
N TYR B 53 -13.11 13.58 -3.48
CA TYR B 53 -13.85 13.38 -2.23
C TYR B 53 -13.17 12.37 -1.32
N LYS B 54 -13.34 12.56 -0.02
CA LYS B 54 -13.07 11.50 0.94
C LYS B 54 -14.33 10.62 1.01
N GLY B 55 -14.13 9.32 0.89
CA GLY B 55 -15.25 8.37 0.85
C GLY B 55 -15.04 7.10 1.65
N LYS B 56 -16.00 6.18 1.56
CA LYS B 56 -15.91 4.90 2.25
C LYS B 56 -16.19 3.75 1.30
N TRP B 57 -15.25 2.81 1.26
CA TRP B 57 -15.42 1.51 0.61
C TRP B 57 -14.38 0.56 1.17
N HIS B 58 -14.82 -0.32 2.06
CA HIS B 58 -13.93 -1.19 2.83
C HIS B 58 -12.82 -0.36 3.50
N GLY B 59 -13.23 0.62 4.30
CA GLY B 59 -12.30 1.55 4.94
C GLY B 59 -12.29 2.88 4.22
N ASP B 60 -11.55 3.83 4.78
CA ASP B 60 -11.41 5.17 4.20
C ASP B 60 -10.77 5.12 2.81
N VAL B 61 -11.45 5.74 1.85
CA VAL B 61 -10.95 5.81 0.47
C VAL B 61 -11.05 7.23 -0.07
N ALA B 62 -10.21 7.54 -1.06
CA ALA B 62 -10.31 8.80 -1.78
C ALA B 62 -10.93 8.54 -3.14
N VAL B 63 -11.93 9.34 -3.49
CA VAL B 63 -12.61 9.20 -4.78
C VAL B 63 -12.58 10.48 -5.59
N LYS B 64 -12.14 10.36 -6.83
CA LYS B 64 -12.19 11.46 -7.78
C LYS B 64 -13.36 11.25 -8.73
N MET B 65 -14.21 12.27 -8.80
CA MET B 65 -15.35 12.25 -9.71
C MET B 65 -14.99 13.05 -10.97
N LEU B 66 -15.30 12.47 -12.13
CA LEU B 66 -14.89 13.04 -13.42
C LEU B 66 -16.02 13.77 -14.18
N ASN B 67 -17.19 13.88 -13.55
CA ASN B 67 -18.33 14.60 -14.11
C ASN B 67 -19.47 14.78 -13.09
N VAL B 68 -20.41 15.66 -13.40
CA VAL B 68 -21.55 15.89 -12.51
C VAL B 68 -22.91 15.62 -13.15
N THR B 69 -23.01 15.80 -14.47
CA THR B 69 -24.26 15.51 -15.18
C THR B 69 -24.09 14.31 -16.11
N ALA B 70 -23.57 14.56 -17.31
CA ALA B 70 -23.38 13.53 -18.32
C ALA B 70 -21.96 13.54 -18.84
N PRO B 71 -21.40 12.36 -19.15
CA PRO B 71 -20.00 12.31 -19.60
C PRO B 71 -19.81 12.78 -21.04
N THR B 72 -18.72 13.50 -21.26
CA THR B 72 -18.26 13.87 -22.59
C THR B 72 -17.31 12.79 -23.08
N PRO B 73 -17.34 12.47 -24.39
CA PRO B 73 -16.28 11.68 -25.00
C PRO B 73 -14.88 12.10 -24.53
N GLN B 74 -14.73 13.39 -24.21
CA GLN B 74 -13.51 13.95 -23.62
C GLN B 74 -13.16 13.31 -22.26
N GLN B 75 -14.08 13.42 -21.30
CA GLN B 75 -13.84 12.92 -19.94
C GLN B 75 -13.97 11.40 -19.84
N LEU B 76 -14.86 10.83 -20.66
CA LEU B 76 -15.03 9.39 -20.73
C LEU B 76 -13.72 8.72 -21.18
N GLN B 77 -13.00 9.38 -22.07
CA GLN B 77 -11.68 8.93 -22.50
C GLN B 77 -10.65 9.03 -21.38
N ALA B 78 -10.63 10.18 -20.70
CA ALA B 78 -9.71 10.42 -19.59
C ALA B 78 -9.88 9.37 -18.50
N PHE B 79 -11.12 9.12 -18.12
CA PHE B 79 -11.46 8.11 -17.13
C PHE B 79 -10.85 6.75 -17.49
N LYS B 80 -11.14 6.27 -18.70
CA LYS B 80 -10.63 4.98 -19.18
C LYS B 80 -9.12 4.95 -19.26
N ASN B 81 -8.51 6.12 -19.46
CA ASN B 81 -7.06 6.24 -19.48
C ASN B 81 -6.46 6.02 -18.10
N GLU B 82 -6.87 6.84 -17.13
CA GLU B 82 -6.35 6.77 -15.77
C GLU B 82 -6.53 5.39 -15.15
N VAL B 83 -7.72 4.81 -15.28
CA VAL B 83 -8.01 3.47 -14.80
C VAL B 83 -7.06 2.45 -15.43
N GLY B 84 -6.87 2.58 -16.74
CA GLY B 84 -5.97 1.71 -17.50
C GLY B 84 -4.52 1.77 -17.06
N VAL B 85 -4.07 2.95 -16.64
CA VAL B 85 -2.71 3.14 -16.15
C VAL B 85 -2.57 2.67 -14.70
N LEU B 86 -3.51 3.08 -13.86
CA LEU B 86 -3.49 2.71 -12.45
C LEU B 86 -3.47 1.20 -12.21
N ARG B 87 -4.17 0.45 -13.06
CA ARG B 87 -4.25 -1.00 -12.91
C ARG B 87 -2.95 -1.73 -13.32
N LYS B 88 -1.91 -0.96 -13.64
CA LYS B 88 -0.59 -1.50 -13.91
C LYS B 88 0.38 -1.18 -12.77
N THR B 89 -0.09 -0.37 -11.81
CA THR B 89 0.73 0.10 -10.72
C THR B 89 0.47 -0.67 -9.42
N ARG B 90 1.50 -1.38 -8.96
CA ARG B 90 1.48 -2.03 -7.67
C ARG B 90 2.80 -1.76 -6.95
N HIS B 91 2.87 -0.62 -6.28
CA HIS B 91 4.11 -0.19 -5.61
C HIS B 91 3.79 0.67 -4.41
N VAL B 92 4.59 0.53 -3.36
CA VAL B 92 4.40 1.27 -2.10
C VAL B 92 4.38 2.79 -2.31
N ASN B 93 5.12 3.26 -3.30
CA ASN B 93 5.27 4.70 -3.52
C ASN B 93 4.28 5.28 -4.53
N ILE B 94 3.41 4.42 -5.04
CA ILE B 94 2.33 4.83 -5.94
C ILE B 94 0.99 4.65 -5.24
N LEU B 95 0.19 5.72 -5.24
CA LEU B 95 -1.15 5.68 -4.64
C LEU B 95 -1.90 4.43 -5.07
N LEU B 96 -2.44 3.70 -4.09
CA LEU B 96 -3.05 2.40 -4.37
C LEU B 96 -4.45 2.53 -4.96
N PHE B 97 -4.54 2.25 -6.26
CA PHE B 97 -5.81 2.17 -6.95
C PHE B 97 -6.57 0.98 -6.42
N MET B 98 -7.80 1.21 -5.98
CA MET B 98 -8.64 0.14 -5.45
C MET B 98 -9.70 -0.30 -6.44
N GLY B 99 -10.36 0.66 -7.07
CA GLY B 99 -11.41 0.33 -8.04
C GLY B 99 -12.02 1.53 -8.71
N TYR B 100 -13.05 1.28 -9.53
CA TYR B 100 -13.75 2.33 -10.27
C TYR B 100 -15.25 2.08 -10.35
N SER B 101 -15.99 3.13 -10.74
CA SER B 101 -17.44 3.05 -10.90
C SER B 101 -17.91 4.01 -11.97
N THR B 102 -19.00 3.65 -12.65
CA THR B 102 -19.60 4.51 -13.67
C THR B 102 -21.08 4.77 -13.35
N LYS B 103 -21.71 3.79 -12.72
CA LYS B 103 -23.17 3.69 -12.65
C LYS B 103 -23.93 4.80 -11.91
N PRO B 104 -23.29 5.45 -10.91
CA PRO B 104 -23.76 6.82 -10.61
C PRO B 104 -23.01 7.81 -11.52
N GLN B 105 -21.79 8.18 -11.12
CA GLN B 105 -20.92 9.03 -11.94
C GLN B 105 -19.63 8.26 -12.28
N LEU B 106 -18.77 8.86 -13.10
CA LEU B 106 -17.45 8.30 -13.36
C LEU B 106 -16.57 8.51 -12.13
N ALA B 107 -16.19 7.42 -11.48
CA ALA B 107 -15.49 7.50 -10.20
C ALA B 107 -14.23 6.63 -10.15
N ILE B 108 -13.16 7.18 -9.59
CA ILE B 108 -11.91 6.44 -9.38
C ILE B 108 -11.56 6.38 -7.90
N VAL B 109 -11.47 5.14 -7.38
CA VAL B 109 -11.27 4.90 -5.96
C VAL B 109 -9.83 4.49 -5.66
N THR B 110 -9.18 5.25 -4.79
CA THR B 110 -7.84 4.92 -4.32
C THR B 110 -7.84 4.87 -2.79
N GLN B 111 -6.73 4.42 -2.21
CA GLN B 111 -6.54 4.51 -0.77
C GLN B 111 -6.66 5.96 -0.30
N TRP B 112 -7.06 6.15 0.96
CA TRP B 112 -7.05 7.47 1.57
C TRP B 112 -5.75 7.66 2.33
N CYS B 113 -5.08 8.79 2.09
CA CYS B 113 -3.84 9.12 2.79
C CYS B 113 -4.09 10.12 3.90
N GLU B 114 -3.72 9.73 5.11
CA GLU B 114 -3.75 10.65 6.25
C GLU B 114 -2.48 11.48 6.28
N GLY B 115 -2.60 12.72 6.76
CA GLY B 115 -1.60 13.75 6.53
C GLY B 115 -1.92 14.37 5.17
N SER B 116 -1.23 15.46 4.82
CA SER B 116 -1.52 16.09 3.55
C SER B 116 -0.42 15.85 2.52
N SER B 117 -0.55 16.50 1.36
CA SER B 117 0.43 16.39 0.28
C SER B 117 1.69 17.20 0.59
N LEU B 118 2.75 16.94 -0.18
CA LEU B 118 4.03 17.62 -0.03
C LEU B 118 3.93 19.14 -0.21
N TYR B 119 3.08 19.54 -1.16
CA TYR B 119 2.83 20.95 -1.41
C TYR B 119 2.26 21.63 -0.18
N HIS B 120 1.21 21.02 0.38
CA HIS B 120 0.55 21.54 1.57
C HIS B 120 1.53 21.69 2.72
N HIS B 121 2.37 20.66 2.92
CA HIS B 121 3.37 20.65 3.97
C HIS B 121 4.39 21.77 3.83
N LEU B 122 4.90 21.94 2.61
CA LEU B 122 5.96 22.90 2.36
C LEU B 122 5.48 24.35 2.24
N HIS B 123 4.31 24.55 1.64
CA HIS B 123 3.88 25.90 1.26
C HIS B 123 2.57 26.39 1.88
N ILE B 124 1.88 25.55 2.64
CA ILE B 124 0.68 26.01 3.34
C ILE B 124 0.89 26.06 4.86
N ILE B 125 1.15 24.91 5.47
CA ILE B 125 1.42 24.87 6.91
C ILE B 125 2.91 24.86 7.24
N GLU B 126 3.74 24.94 6.20
CA GLU B 126 5.17 25.20 6.31
C GLU B 126 5.90 24.32 7.33
N THR B 127 5.87 23.01 7.10
CA THR B 127 6.55 22.07 7.97
C THR B 127 8.07 22.18 7.81
N LYS B 128 8.76 22.40 8.93
CA LYS B 128 10.21 22.40 8.97
C LYS B 128 10.70 20.97 9.14
N PHE B 129 10.91 20.28 8.01
CA PHE B 129 11.45 18.93 8.02
C PHE B 129 12.95 18.92 8.33
N GLU B 130 13.41 17.84 8.97
CA GLU B 130 14.84 17.56 9.07
C GLU B 130 15.38 17.22 7.68
N MET B 131 16.64 17.59 7.44
CA MET B 131 17.29 17.34 6.15
C MET B 131 17.24 15.86 5.76
N ILE B 132 17.41 14.98 6.74
CA ILE B 132 17.34 13.54 6.56
C ILE B 132 15.97 13.12 6.03
N LYS B 133 14.91 13.67 6.62
CA LYS B 133 13.54 13.37 6.22
C LYS B 133 13.27 13.88 4.79
N LEU B 134 13.77 15.08 4.50
CA LEU B 134 13.65 15.67 3.17
C LEU B 134 14.28 14.78 2.10
N ILE B 135 15.50 14.34 2.33
CA ILE B 135 16.20 13.45 1.41
C ILE B 135 15.46 12.12 1.27
N ASP B 136 14.82 11.69 2.34
CA ASP B 136 14.02 10.47 2.36
C ASP B 136 12.80 10.62 1.43
N ILE B 137 12.10 11.74 1.57
CA ILE B 137 10.99 12.08 0.69
C ILE B 137 11.47 12.09 -0.76
N ALA B 138 12.66 12.64 -0.98
CA ALA B 138 13.29 12.63 -2.30
C ALA B 138 13.54 11.20 -2.80
N ARG B 139 14.05 10.36 -1.90
CA ARG B 139 14.40 8.98 -2.23
C ARG B 139 13.20 8.14 -2.65
N GLN B 140 12.12 8.24 -1.88
CA GLN B 140 10.90 7.48 -2.17
C GLN B 140 10.18 7.96 -3.43
N THR B 141 10.14 9.28 -3.64
CA THR B 141 9.57 9.85 -4.86
C THR B 141 10.34 9.30 -6.05
N ALA B 142 11.67 9.42 -6.00
CA ALA B 142 12.54 8.84 -7.01
C ALA B 142 12.26 7.35 -7.19
N GLN B 143 11.99 6.66 -6.09
CA GLN B 143 11.66 5.23 -6.11
C GLN B 143 10.37 4.96 -6.89
N GLY B 144 9.36 5.78 -6.64
CA GLY B 144 8.07 5.65 -7.32
C GLY B 144 8.24 5.90 -8.80
N MET B 145 8.92 6.99 -9.13
CA MET B 145 9.14 7.39 -10.52
C MET B 145 9.92 6.34 -11.31
N ASP B 146 10.94 5.75 -10.67
CA ASP B 146 11.71 4.68 -11.29
C ASP B 146 10.85 3.47 -11.59
N TYR B 147 9.85 3.22 -10.75
CA TYR B 147 8.90 2.13 -10.98
C TYR B 147 8.04 2.44 -12.22
N LEU B 148 7.51 3.66 -12.28
CA LEU B 148 6.65 4.08 -13.38
C LEU B 148 7.33 4.01 -14.73
N HIS B 149 8.53 4.60 -14.82
CA HIS B 149 9.29 4.63 -16.06
C HIS B 149 9.75 3.26 -16.54
N ALA B 150 9.96 2.33 -15.60
CA ALA B 150 10.30 0.95 -15.95
C ALA B 150 9.08 0.23 -16.55
N LYS B 151 7.90 0.79 -16.31
CA LYS B 151 6.65 0.29 -16.85
C LYS B 151 6.15 1.21 -17.96
N SER B 152 7.07 1.99 -18.54
CA SER B 152 6.77 2.94 -19.61
C SER B 152 5.64 3.91 -19.28
N ILE B 153 5.49 4.22 -18.01
CA ILE B 153 4.48 5.18 -17.58
C ILE B 153 5.12 6.54 -17.40
N ILE B 154 4.61 7.54 -18.11
CA ILE B 154 5.03 8.92 -17.94
C ILE B 154 3.90 9.66 -17.25
N HIS B 155 4.20 10.18 -16.06
CA HIS B 155 3.21 10.86 -15.23
C HIS B 155 2.69 12.15 -15.84
N ARG B 156 3.59 12.89 -16.51
CA ARG B 156 3.27 14.16 -17.19
C ARG B 156 2.77 15.30 -16.29
N ASP B 157 2.53 15.02 -15.03
CA ASP B 157 2.11 16.08 -14.10
C ASP B 157 2.63 15.90 -12.68
N LEU B 158 3.90 15.54 -12.55
CA LEU B 158 4.55 15.44 -11.27
C LEU B 158 4.66 16.84 -10.67
N LYS B 159 4.25 16.97 -9.42
CA LYS B 159 4.32 18.22 -8.68
C LYS B 159 4.03 17.87 -7.23
N SER B 160 4.53 18.69 -6.30
CA SER B 160 4.37 18.41 -4.87
C SER B 160 2.90 18.22 -4.46
N ASN B 161 1.99 18.77 -5.26
CA ASN B 161 0.55 18.56 -5.08
C ASN B 161 0.15 17.09 -5.17
N ASN B 162 0.84 16.36 -6.05
CA ASN B 162 0.54 14.94 -6.29
C ASN B 162 1.47 13.99 -5.53
N ILE B 163 2.23 14.54 -4.59
CA ILE B 163 3.09 13.74 -3.72
C ILE B 163 2.53 13.79 -2.31
N PHE B 164 2.01 12.64 -1.86
CA PHE B 164 1.30 12.55 -0.59
C PHE B 164 2.13 11.85 0.47
N LEU B 165 2.12 12.40 1.67
CA LEU B 165 2.81 11.79 2.80
C LEU B 165 1.83 10.98 3.63
N HIS B 166 1.72 9.69 3.32
CA HIS B 166 0.93 8.78 4.10
C HIS B 166 1.63 8.48 5.42
N GLU B 167 0.88 8.63 6.52
CA GLU B 167 1.39 8.44 7.89
C GLU B 167 2.67 9.24 8.15
N ASP B 168 2.85 10.32 7.39
CA ASP B 168 3.99 11.25 7.50
C ASP B 168 5.38 10.62 7.25
N LEU B 169 5.41 9.39 6.75
CA LEU B 169 6.69 8.70 6.53
C LEU B 169 6.77 7.91 5.22
N THR B 170 5.64 7.79 4.53
CA THR B 170 5.62 7.10 3.23
C THR B 170 5.09 8.02 2.13
N VAL B 171 5.81 8.07 1.02
CA VAL B 171 5.44 8.89 -0.12
C VAL B 171 4.58 8.09 -1.09
N LYS B 172 3.41 8.63 -1.41
CA LYS B 172 2.52 8.06 -2.41
C LYS B 172 2.34 9.05 -3.55
N ILE B 173 2.80 8.67 -4.76
CA ILE B 173 2.62 9.51 -5.94
C ILE B 173 1.21 9.28 -6.48
N GLY B 174 0.46 10.37 -6.67
CA GLY B 174 -0.93 10.28 -7.08
C GLY B 174 -1.33 11.05 -8.32
N ASP B 175 -2.58 10.86 -8.74
CA ASP B 175 -3.17 11.48 -9.94
C ASP B 175 -2.50 11.09 -11.25
N PHE B 176 -3.09 10.12 -11.94
CA PHE B 176 -2.57 9.65 -13.20
C PHE B 176 -3.49 10.00 -14.36
N GLY B 177 -4.34 11.01 -14.13
CA GLY B 177 -5.25 11.50 -15.15
C GLY B 177 -4.54 11.95 -16.41
N LEU B 178 -3.29 12.40 -16.27
CA LEU B 178 -2.52 12.88 -17.41
C LEU B 178 -1.45 11.89 -17.88
N ALA B 179 -1.21 10.85 -17.10
CA ALA B 179 -0.18 9.84 -17.41
C ALA B 179 -0.44 9.08 -18.70
N THR B 180 0.64 8.66 -19.38
CA THR B 180 0.54 7.89 -20.63
C THR B 180 1.36 6.59 -20.60
N VAL B 181 1.13 5.72 -21.59
CA VAL B 181 1.93 4.52 -21.81
C VAL B 181 2.28 4.40 -23.29
N LEU B 194 -2.42 18.00 -21.05
CA LEU B 194 -2.56 19.34 -21.63
C LEU B 194 -2.56 20.46 -20.56
N SER B 195 -2.88 21.68 -21.01
CA SER B 195 -2.90 22.92 -20.20
C SER B 195 -3.23 22.81 -18.68
N GLY B 196 -2.26 23.12 -17.82
CA GLY B 196 -2.44 22.99 -16.36
C GLY B 196 -1.46 23.76 -15.47
N SER B 197 -0.62 23.02 -14.73
CA SER B 197 0.38 23.58 -13.81
C SER B 197 1.74 23.75 -14.49
N ILE B 198 2.38 24.89 -14.26
CA ILE B 198 3.53 25.30 -15.08
C ILE B 198 4.92 25.24 -14.43
N LEU B 199 4.97 25.50 -13.12
CA LEU B 199 6.23 25.59 -12.36
C LEU B 199 7.11 24.35 -12.42
N TRP B 200 6.55 23.22 -12.85
CA TRP B 200 7.27 21.95 -12.93
C TRP B 200 7.51 21.56 -14.39
N MET B 201 7.03 22.38 -15.30
CA MET B 201 7.10 22.08 -16.73
C MET B 201 8.47 22.36 -17.30
N ALA B 202 8.99 21.39 -18.04
CA ALA B 202 10.28 21.53 -18.71
C ALA B 202 10.18 22.52 -19.86
N PRO B 203 11.28 23.25 -20.15
CA PRO B 203 11.31 24.15 -21.29
C PRO B 203 10.68 23.55 -22.55
N GLU B 204 11.11 22.35 -22.92
CA GLU B 204 10.59 21.65 -24.11
C GLU B 204 9.07 21.57 -24.10
N VAL B 205 8.51 21.34 -22.91
CA VAL B 205 7.06 21.20 -22.73
C VAL B 205 6.40 22.57 -22.73
N ILE B 206 7.05 23.55 -22.10
CA ILE B 206 6.47 24.88 -21.91
C ILE B 206 6.41 25.73 -23.20
N ARG B 207 6.89 25.17 -24.30
CA ARG B 207 6.75 25.73 -25.65
C ARG B 207 6.64 24.58 -26.63
N MET B 208 5.43 24.38 -27.16
CA MET B 208 5.12 23.13 -27.89
C MET B 208 5.93 22.91 -29.19
N GLN B 209 6.90 22.00 -29.11
CA GLN B 209 7.66 21.48 -30.26
C GLN B 209 8.53 20.25 -29.87
N ASP B 210 8.34 19.11 -30.54
CA ASP B 210 7.39 18.96 -31.64
C ASP B 210 5.96 18.70 -31.14
N LYS B 211 5.24 17.81 -31.82
CA LYS B 211 3.95 17.33 -31.34
C LYS B 211 4.11 16.66 -29.98
N ASN B 212 5.19 15.89 -29.81
CA ASN B 212 5.43 15.13 -28.59
C ASN B 212 6.69 15.59 -27.82
N PRO B 213 6.50 16.50 -26.85
CA PRO B 213 7.59 17.02 -26.01
C PRO B 213 7.79 16.25 -24.70
N TYR B 214 6.87 15.34 -24.38
CA TYR B 214 6.92 14.59 -23.13
C TYR B 214 7.82 13.37 -23.23
N SER B 215 8.62 13.15 -22.20
CA SER B 215 9.52 12.01 -22.12
C SER B 215 9.79 11.66 -20.67
N PHE B 216 10.59 10.63 -20.44
CA PHE B 216 11.08 10.35 -19.09
C PHE B 216 11.81 11.59 -18.57
N GLN B 217 12.50 12.29 -19.47
CA GLN B 217 13.25 13.50 -19.13
C GLN B 217 12.37 14.68 -18.72
N SER B 218 11.17 14.78 -19.29
CA SER B 218 10.25 15.84 -18.88
C SER B 218 9.79 15.57 -17.45
N ASP B 219 9.61 14.29 -17.13
CA ASP B 219 9.29 13.86 -15.77
C ASP B 219 10.45 14.18 -14.83
N VAL B 220 11.67 13.86 -15.27
CA VAL B 220 12.89 14.15 -14.51
C VAL B 220 12.99 15.63 -14.15
N TYR B 221 12.66 16.51 -15.09
CA TYR B 221 12.70 17.94 -14.85
C TYR B 221 11.70 18.34 -13.77
N ALA B 222 10.49 17.79 -13.86
CA ALA B 222 9.46 18.03 -12.85
C ALA B 222 9.97 17.64 -11.47
N PHE B 223 10.59 16.46 -11.40
CA PHE B 223 11.23 15.97 -10.19
C PHE B 223 12.29 16.96 -9.69
N GLY B 224 13.06 17.51 -10.64
CA GLY B 224 14.09 18.51 -10.34
C GLY B 224 13.55 19.69 -9.55
N ILE B 225 12.34 20.10 -9.90
CA ILE B 225 11.65 21.18 -9.19
C ILE B 225 11.20 20.77 -7.78
N VAL B 226 10.79 19.51 -7.59
CA VAL B 226 10.39 19.08 -6.26
C VAL B 226 11.62 18.92 -5.34
N LEU B 227 12.77 18.56 -5.91
CA LEU B 227 14.03 18.64 -5.17
C LEU B 227 14.27 20.09 -4.76
N TYR B 228 14.05 21.01 -5.70
CA TYR B 228 14.18 22.43 -5.43
C TYR B 228 13.26 22.83 -4.29
N GLU B 229 12.00 22.40 -4.36
CA GLU B 229 11.02 22.67 -3.31
C GLU B 229 11.51 22.14 -1.97
N LEU B 230 11.92 20.87 -1.97
CA LEU B 230 12.38 20.21 -0.75
C LEU B 230 13.60 20.91 -0.15
N MET B 231 14.55 21.29 -0.99
CA MET B 231 15.82 21.85 -0.51
C MET B 231 15.77 23.35 -0.21
N THR B 232 14.79 24.06 -0.77
CA THR B 232 14.65 25.49 -0.48
C THR B 232 13.46 25.77 0.44
N GLY B 233 12.58 24.79 0.57
CA GLY B 233 11.30 24.96 1.26
C GLY B 233 10.38 25.92 0.51
N GLN B 234 10.69 26.17 -0.76
CA GLN B 234 10.08 27.27 -1.51
C GLN B 234 9.77 26.94 -2.97
N LEU B 235 8.68 27.52 -3.48
CA LEU B 235 8.32 27.41 -4.90
C LEU B 235 9.23 28.28 -5.76
N PRO B 236 9.67 27.77 -6.93
CA PRO B 236 10.53 28.55 -7.81
C PRO B 236 9.83 29.77 -8.38
N TYR B 237 10.61 30.82 -8.65
CA TYR B 237 10.12 32.07 -9.23
C TYR B 237 9.08 32.76 -8.38
N SER B 238 9.21 32.61 -7.06
CA SER B 238 8.25 33.17 -6.11
C SER B 238 8.22 34.70 -6.13
N ASN B 239 9.25 35.29 -6.71
CA ASN B 239 9.38 36.75 -6.77
C ASN B 239 8.88 37.36 -8.08
N ILE B 240 8.31 36.54 -8.96
CA ILE B 240 7.70 37.01 -10.20
C ILE B 240 6.20 36.70 -10.17
N ASN B 241 5.38 37.75 -10.14
CA ASN B 241 3.92 37.59 -9.96
C ASN B 241 3.12 37.41 -11.25
N ASN B 242 3.81 37.42 -12.38
CA ASN B 242 3.14 37.30 -13.67
C ASN B 242 3.36 35.91 -14.27
N ARG B 243 2.26 35.19 -14.47
CA ARG B 243 2.31 33.79 -14.90
C ARG B 243 2.86 33.63 -16.31
N ASP B 244 2.42 34.50 -17.21
CA ASP B 244 2.76 34.38 -18.63
C ASP B 244 4.19 34.78 -18.92
N GLN B 245 4.75 35.66 -18.10
CA GLN B 245 6.17 36.01 -18.17
C GLN B 245 7.03 34.81 -17.77
N ILE B 246 6.64 34.15 -16.68
CA ILE B 246 7.29 32.92 -16.25
C ILE B 246 7.25 31.92 -17.40
N ILE B 247 6.06 31.71 -17.97
CA ILE B 247 5.89 30.78 -19.08
C ILE B 247 6.83 31.14 -20.23
N PHE B 248 6.77 32.40 -20.66
CA PHE B 248 7.57 32.85 -21.79
C PHE B 248 9.07 32.66 -21.58
N MET B 249 9.55 33.09 -20.41
CA MET B 249 10.97 33.16 -20.14
C MET B 249 11.62 31.80 -19.94
N VAL B 250 10.99 30.95 -19.13
CA VAL B 250 11.43 29.56 -18.98
C VAL B 250 11.44 28.93 -20.37
N GLY B 251 10.39 29.22 -21.15
CA GLY B 251 10.31 28.78 -22.53
C GLY B 251 11.54 29.12 -23.34
N ARG B 252 11.82 30.42 -23.46
CA ARG B 252 12.96 30.88 -24.25
C ARG B 252 14.29 30.67 -23.54
N GLY B 253 14.24 30.33 -22.25
CA GLY B 253 15.43 29.98 -21.49
C GLY B 253 16.10 31.16 -20.81
N TYR B 254 15.30 32.12 -20.37
CA TYR B 254 15.81 33.27 -19.61
C TYR B 254 15.69 33.03 -18.13
N LEU B 255 14.66 32.28 -17.75
CA LEU B 255 14.36 32.04 -16.35
C LEU B 255 14.69 30.61 -16.04
N SER B 256 15.41 30.40 -14.94
CA SER B 256 15.61 29.06 -14.39
C SER B 256 15.65 29.21 -12.87
N PRO B 257 15.44 28.09 -12.14
CA PRO B 257 15.35 28.16 -10.68
C PRO B 257 16.67 28.60 -10.04
N ASP B 258 16.57 29.50 -9.07
CA ASP B 258 17.76 30.03 -8.40
C ASP B 258 18.32 29.02 -7.41
N LEU B 259 19.37 28.34 -7.83
CA LEU B 259 19.97 27.24 -7.06
C LEU B 259 20.74 27.69 -5.83
N SER B 260 21.06 28.99 -5.74
CA SER B 260 21.76 29.53 -4.58
C SER B 260 20.83 29.70 -3.38
N LYS B 261 19.54 29.42 -3.57
CA LYS B 261 18.55 29.49 -2.49
C LYS B 261 18.49 28.23 -1.62
N VAL B 262 19.21 27.18 -2.03
CA VAL B 262 19.22 25.92 -1.28
C VAL B 262 19.92 26.11 0.07
N ARG B 263 19.27 25.64 1.14
CA ARG B 263 19.82 25.78 2.50
C ARG B 263 21.21 25.15 2.60
N SER B 264 22.08 25.78 3.40
CA SER B 264 23.49 25.40 3.55
C SER B 264 23.74 23.90 3.78
N ASN B 265 22.86 23.28 4.55
CA ASN B 265 23.01 21.86 4.90
C ASN B 265 22.52 20.87 3.84
N CYS B 266 22.20 21.38 2.65
CA CYS B 266 21.95 20.50 1.50
C CYS B 266 23.28 20.01 0.96
N PRO B 267 23.52 18.68 1.00
CA PRO B 267 24.79 18.12 0.56
C PRO B 267 25.11 18.46 -0.90
N LYS B 268 26.39 18.72 -1.16
CA LYS B 268 26.89 19.05 -2.51
C LYS B 268 26.29 18.15 -3.59
N ALA B 269 26.28 16.84 -3.33
CA ALA B 269 25.79 15.86 -4.30
C ALA B 269 24.31 16.02 -4.67
N MET B 270 23.51 16.48 -3.71
CA MET B 270 22.09 16.72 -3.94
C MET B 270 21.88 17.96 -4.81
N LYS B 271 22.62 19.01 -4.50
CA LYS B 271 22.62 20.23 -5.30
C LYS B 271 23.13 19.93 -6.70
N ARG B 272 24.17 19.11 -6.79
CA ARG B 272 24.76 18.68 -8.07
C ARG B 272 23.73 17.92 -8.90
N LEU B 273 23.04 16.98 -8.25
CA LEU B 273 21.97 16.19 -8.88
C LEU B 273 20.78 17.06 -9.28
N MET B 274 20.49 18.07 -8.45
CA MET B 274 19.41 19.00 -8.73
C MET B 274 19.69 19.78 -10.02
N ALA B 275 20.93 20.22 -10.17
CA ALA B 275 21.38 20.94 -11.35
C ALA B 275 21.36 20.05 -12.60
N GLU B 276 21.54 18.75 -12.40
CA GLU B 276 21.49 17.78 -13.50
C GLU B 276 20.07 17.57 -13.99
N CYS B 277 19.13 17.54 -13.05
CA CYS B 277 17.73 17.28 -13.37
C CYS B 277 17.06 18.45 -14.07
N LEU B 278 17.61 19.64 -13.88
CA LEU B 278 17.00 20.88 -14.38
C LEU B 278 17.65 21.40 -15.64
N LYS B 279 18.53 20.59 -16.22
CA LYS B 279 19.23 20.95 -17.47
C LYS B 279 18.23 21.32 -18.54
N LYS B 280 18.46 22.47 -19.19
CA LYS B 280 17.57 22.96 -20.26
C LYS B 280 17.44 21.93 -21.38
N LYS B 281 18.57 21.40 -21.85
CA LYS B 281 18.56 20.33 -22.84
C LYS B 281 18.23 19.03 -22.13
N ARG B 282 17.20 18.35 -22.62
CA ARG B 282 16.71 17.13 -21.98
C ARG B 282 17.69 15.95 -22.07
N ASP B 283 18.41 15.86 -23.19
CA ASP B 283 19.39 14.78 -23.41
C ASP B 283 20.55 14.82 -22.40
N GLU B 284 20.56 15.83 -21.55
CA GLU B 284 21.60 15.99 -20.53
C GLU B 284 21.11 15.64 -19.13
N ARG B 285 19.83 15.27 -19.03
CA ARG B 285 19.22 14.89 -17.75
C ARG B 285 19.37 13.40 -17.48
N PRO B 286 19.70 13.04 -16.24
CA PRO B 286 19.87 11.63 -15.90
C PRO B 286 18.52 10.93 -15.86
N LEU B 287 18.50 9.65 -16.23
CA LEU B 287 17.28 8.85 -16.11
C LEU B 287 17.17 8.34 -14.67
N PHE B 288 15.95 7.97 -14.26
CA PHE B 288 15.67 7.69 -12.85
C PHE B 288 16.49 6.58 -12.18
N PRO B 289 16.86 5.50 -12.92
CA PRO B 289 17.82 4.58 -12.33
C PRO B 289 19.07 5.28 -11.79
N GLN B 290 19.65 6.18 -12.59
CA GLN B 290 20.83 6.93 -12.16
C GLN B 290 20.51 7.91 -11.03
N ILE B 291 19.33 8.53 -11.08
CA ILE B 291 18.90 9.44 -10.03
C ILE B 291 18.78 8.70 -8.70
N LEU B 292 18.13 7.54 -8.75
CA LEU B 292 17.90 6.72 -7.57
C LEU B 292 19.19 6.35 -6.87
N ALA B 293 20.13 5.78 -7.61
CA ALA B 293 21.42 5.34 -7.06
C ALA B 293 22.20 6.50 -6.43
N SER B 294 22.01 7.71 -6.98
CA SER B 294 22.66 8.91 -6.46
C SER B 294 22.10 9.30 -5.11
N ILE B 295 20.77 9.43 -5.03
CA ILE B 295 20.09 9.80 -3.78
C ILE B 295 20.50 8.87 -2.66
N GLU B 296 20.47 7.55 -2.94
CA GLU B 296 20.81 6.53 -1.95
C GLU B 296 22.25 6.61 -1.45
N LEU B 297 23.18 6.87 -2.38
CA LEU B 297 24.59 7.01 -2.04
C LEU B 297 24.80 8.15 -1.03
N LEU B 298 24.23 9.31 -1.32
CA LEU B 298 24.35 10.45 -0.43
C LEU B 298 23.47 10.32 0.81
N ALA B 299 22.54 9.37 0.79
CA ALA B 299 21.67 9.09 1.93
C ALA B 299 22.42 8.26 2.97
N ARG B 300 23.25 7.33 2.50
CA ARG B 300 24.04 6.48 3.38
C ARG B 300 25.22 7.23 3.99
N SER B 301 25.76 8.19 3.24
CA SER B 301 26.87 9.03 3.69
C SER B 301 26.42 10.09 4.70
N LEU B 302 25.10 10.20 4.87
CA LEU B 302 24.49 11.32 5.59
C LEU B 302 24.45 11.22 7.14
N PRO B 303 23.80 10.16 7.70
CA PRO B 303 23.49 10.19 9.15
C PRO B 303 24.73 10.24 10.05
N LYS B 304 25.89 9.88 9.49
CA LYS B 304 27.19 10.10 10.13
C LYS B 304 27.42 11.60 10.32
#